data_3E9A
#
_entry.id   3E9A
#
_cell.length_a   117.187
_cell.length_b   117.187
_cell.length_c   117.187
_cell.angle_alpha   90.00
_cell.angle_beta   90.00
_cell.angle_gamma   90.00
#
_symmetry.space_group_name_H-M   'I 2 3'
#
loop_
_entity.id
_entity.type
_entity.pdbx_description
1 polymer '2-dehydro-3-deoxyphosphooctonate aldolase'
2 non-polymer 'SULFATE ION'
3 water water
#
_entity_poly.entity_id   1
_entity_poly.type   'polypeptide(L)'
_entity_poly.pdbx_seq_one_letter_code
;SNAMEHKIVHVGDIPVANDKPFTLFAGMNVLESRDLAMQICEHYVKVTDKLGIPYVFKASFDKANRSSVHSYRGPGLEEG
MKIFQELKETFGVKIITDVHTEAQAQPVADVVDVIQLPAFLARQTDLVEAMAKTGAVINVKKPQFMSPGQVGNIVEKFAE
CGNDKVILCERGSCHGYDNLVVDMLGFGVMKQASNGSPIIFDVTHSLQMRDPSGAASGGRREQTVELAKAGLATGIAGLF
IEAHPNPDKARCDGPSALPLDKLEPFLAQMKALDDLIKSFAHIDIR
;
_entity_poly.pdbx_strand_id   A
#
loop_
_chem_comp.id
_chem_comp.type
_chem_comp.name
_chem_comp.formula
SO4 non-polymer 'SULFATE ION' 'O4 S -2'
#
# COMPACT_ATOMS: atom_id res chain seq x y z
N SER A 1 5.90 5.68 -28.29
CA SER A 1 6.77 6.59 -27.47
C SER A 1 7.76 5.70 -26.82
N ASN A 2 8.83 6.31 -26.32
CA ASN A 2 9.88 5.56 -25.63
C ASN A 2 9.41 5.08 -24.28
N ALA A 3 9.92 3.92 -23.86
CA ALA A 3 9.76 3.43 -22.48
C ALA A 3 10.50 4.37 -21.55
N MET A 4 9.88 4.86 -20.50
CA MET A 4 10.66 5.75 -19.66
C MET A 4 11.38 4.97 -18.57
N GLU A 5 12.29 5.64 -17.91
CA GLU A 5 13.07 5.04 -16.86
C GLU A 5 12.26 5.15 -15.57
N HIS A 6 12.27 4.09 -14.79
CA HIS A 6 11.53 4.03 -13.55
C HIS A 6 12.44 4.16 -12.34
N LYS A 7 11.95 4.92 -11.39
CA LYS A 7 12.68 5.25 -10.18
C LYS A 7 12.62 4.06 -9.25
N ILE A 8 13.73 3.80 -8.57
CA ILE A 8 13.73 2.76 -7.51
C ILE A 8 13.66 3.39 -6.13
N VAL A 9 12.71 2.95 -5.29
CA VAL A 9 12.67 3.42 -3.93
C VAL A 9 12.95 2.21 -3.06
N HIS A 10 14.02 2.28 -2.27
CA HIS A 10 14.43 1.13 -1.46
C HIS A 10 13.74 1.16 -0.12
N VAL A 11 13.14 0.04 0.21
CA VAL A 11 12.65 -0.24 1.56
C VAL A 11 13.59 -1.30 2.07
N GLY A 12 14.62 -0.82 2.76
CA GLY A 12 15.83 -1.60 3.06
C GLY A 12 16.48 -2.19 1.81
N ASP A 13 16.54 -3.51 1.74
CA ASP A 13 17.05 -4.29 0.60
C ASP A 13 16.10 -4.38 -0.56
N ILE A 14 14.84 -4.01 -0.35
CA ILE A 14 13.81 -4.24 -1.34
C ILE A 14 13.85 -3.06 -2.31
N PRO A 15 14.19 -3.31 -3.59
CA PRO A 15 14.06 -2.27 -4.63
C PRO A 15 12.64 -2.24 -5.16
N VAL A 16 11.90 -1.18 -4.82
CA VAL A 16 10.48 -1.02 -5.26
C VAL A 16 10.48 -0.15 -6.54
N ALA A 17 9.94 -0.67 -7.64
CA ALA A 17 9.96 0.03 -8.94
C ALA A 17 8.97 -0.63 -9.86
N ASN A 18 8.47 0.14 -10.84
CA ASN A 18 7.50 -0.35 -11.80
C ASN A 18 7.92 -1.42 -12.72
N ASP A 19 9.22 -1.53 -12.90
CA ASP A 19 9.76 -2.53 -13.81
C ASP A 19 10.58 -3.60 -13.06
N LYS A 20 10.44 -3.67 -11.75
CA LYS A 20 11.03 -4.74 -10.92
C LYS A 20 9.94 -5.74 -10.55
N PRO A 21 10.30 -6.92 -10.04
CA PRO A 21 9.28 -7.83 -9.53
C PRO A 21 8.42 -7.12 -8.49
N PHE A 22 7.10 -7.33 -8.56
CA PHE A 22 6.22 -6.62 -7.65
C PHE A 22 6.51 -6.90 -6.15
N THR A 23 6.36 -5.87 -5.34
CA THR A 23 6.54 -5.95 -3.91
C THR A 23 5.13 -5.99 -3.30
N LEU A 24 4.93 -6.92 -2.38
CA LEU A 24 3.68 -7.01 -1.60
C LEU A 24 3.69 -6.15 -0.32
N PHE A 25 2.85 -5.11 -0.28
CA PHE A 25 2.61 -4.29 0.95
C PHE A 25 1.28 -4.77 1.52
N ALA A 26 1.34 -5.60 2.53
CA ALA A 26 0.12 -6.30 2.94
C ALA A 26 0.11 -6.74 4.34
N GLY A 27 -1.12 -6.83 4.85
CA GLY A 27 -1.31 -7.30 6.21
C GLY A 27 -2.74 -7.35 6.62
N MET A 28 -3.10 -6.49 7.55
CA MET A 28 -4.44 -6.47 8.10
C MET A 28 -4.85 -5.05 8.12
N ASN A 29 -6.12 -4.80 8.32
CA ASN A 29 -6.55 -3.44 8.34
C ASN A 29 -6.03 -2.70 9.57
N VAL A 30 -6.40 -3.19 10.74
CA VAL A 30 -6.09 -2.53 12.02
C VAL A 30 -5.46 -3.58 12.98
N LEU A 31 -4.57 -3.13 13.85
CA LEU A 31 -3.90 -3.95 14.87
C LEU A 31 -4.89 -4.37 15.97
N GLU A 32 -5.79 -5.29 15.61
CA GLU A 32 -6.88 -5.77 16.48
C GLU A 32 -6.38 -6.33 17.82
N SER A 33 -5.27 -7.07 17.77
CA SER A 33 -4.60 -7.61 18.98
C SER A 33 -3.19 -8.08 18.58
N ARG A 34 -2.35 -8.26 19.59
CA ARG A 34 -0.99 -8.68 19.34
C ARG A 34 -1.01 -10.08 18.73
N ASP A 35 -1.82 -10.98 19.28
CA ASP A 35 -1.84 -12.36 18.79
C ASP A 35 -2.28 -12.40 17.32
N LEU A 36 -3.31 -11.63 16.99
CA LEU A 36 -3.80 -11.63 15.62
C LEU A 36 -2.71 -11.08 14.68
N ALA A 37 -2.03 -10.01 15.08
CA ALA A 37 -0.96 -9.44 14.27
C ALA A 37 0.17 -10.43 14.10
N MET A 38 0.47 -11.19 15.15
CA MET A 38 1.53 -12.19 15.05
C MET A 38 1.15 -13.33 14.11
N GLN A 39 -0.11 -13.77 14.18
CA GLN A 39 -0.59 -14.87 13.36
C GLN A 39 -0.63 -14.45 11.89
N ILE A 40 -1.15 -13.28 11.65
CA ILE A 40 -1.25 -12.78 10.28
C ILE A 40 0.16 -12.55 9.67
N CYS A 41 1.01 -11.81 10.39
CA CYS A 41 2.38 -11.57 9.93
C CYS A 41 3.13 -12.85 9.62
N GLU A 42 3.01 -13.85 10.50
CA GLU A 42 3.72 -15.11 10.31
C GLU A 42 3.29 -15.81 9.04
N HIS A 43 1.99 -15.84 8.81
CA HIS A 43 1.49 -16.48 7.58
C HIS A 43 2.03 -15.74 6.34
N TYR A 44 1.93 -14.42 6.31
CA TYR A 44 2.47 -13.66 5.18
C TYR A 44 3.98 -13.87 4.95
N VAL A 45 4.75 -13.89 6.03
CA VAL A 45 6.17 -14.13 5.92
C VAL A 45 6.46 -15.51 5.36
N LYS A 46 5.80 -16.50 5.92
CA LYS A 46 5.98 -17.86 5.45
C LYS A 46 5.65 -17.99 3.97
N VAL A 47 4.50 -17.46 3.58
CA VAL A 47 4.06 -17.57 2.17
C VAL A 47 4.96 -16.79 1.18
N THR A 48 5.30 -15.55 1.53
CA THR A 48 6.13 -14.72 0.65
C THR A 48 7.57 -15.26 0.61
N ASP A 49 8.09 -15.69 1.76
CA ASP A 49 9.41 -16.35 1.80
C ASP A 49 9.39 -17.55 0.87
N LYS A 50 8.34 -18.37 0.93
CA LYS A 50 8.23 -19.55 0.04
C LYS A 50 8.18 -19.15 -1.42
N LEU A 51 7.33 -18.19 -1.80
CA LEU A 51 7.11 -17.86 -3.21
C LEU A 51 8.21 -16.98 -3.81
N GLY A 52 9.04 -16.37 -2.96
CA GLY A 52 10.06 -15.45 -3.39
C GLY A 52 9.52 -14.09 -3.78
N ILE A 53 8.60 -13.57 -2.99
CA ILE A 53 7.97 -12.26 -3.24
C ILE A 53 8.40 -11.25 -2.16
N PRO A 54 8.94 -10.08 -2.57
CA PRO A 54 9.32 -9.03 -1.62
C PRO A 54 8.13 -8.60 -0.78
N TYR A 55 8.37 -8.33 0.50
CA TYR A 55 7.25 -8.17 1.44
C TYR A 55 7.45 -7.11 2.50
N VAL A 56 6.42 -6.30 2.70
CA VAL A 56 6.35 -5.27 3.74
C VAL A 56 4.99 -5.42 4.47
N PHE A 57 5.05 -5.61 5.81
CA PHE A 57 3.84 -5.90 6.58
C PHE A 57 3.09 -4.61 6.83
N LYS A 58 1.78 -4.62 6.58
CA LYS A 58 0.89 -3.45 6.82
C LYS A 58 -0.13 -3.67 7.92
N ALA A 59 -0.30 -2.68 8.79
CA ALA A 59 -1.44 -2.59 9.70
C ALA A 59 -1.52 -1.13 10.17
N SER A 60 -2.74 -0.69 10.47
CA SER A 60 -2.99 0.62 11.08
C SER A 60 -3.02 0.46 12.60
N PHE A 61 -2.40 1.41 13.31
CA PHE A 61 -2.50 1.57 14.78
C PHE A 61 -3.72 2.43 15.19
N ASP A 62 -4.24 3.24 14.29
CA ASP A 62 -5.46 4.02 14.55
C ASP A 62 -6.34 4.10 13.31
N LYS A 63 -7.67 4.04 13.48
CA LYS A 63 -8.60 4.39 12.41
C LYS A 63 -9.17 5.76 12.78
N ALA A 64 -8.69 6.78 12.10
CA ALA A 64 -8.92 8.16 12.46
C ALA A 64 -10.17 8.74 11.81
N ASN A 65 -10.81 7.98 10.92
CA ASN A 65 -11.86 8.55 10.07
C ASN A 65 -13.08 7.66 10.03
N ARG A 66 -13.37 6.94 11.10
CA ARG A 66 -14.62 6.17 11.17
C ARG A 66 -15.81 7.12 11.24
N SER A 67 -17.02 6.54 11.24
CA SER A 67 -18.25 7.32 11.19
C SER A 67 -18.84 7.63 12.57
N SER A 68 -18.42 6.92 13.62
CA SER A 68 -18.83 7.25 14.98
C SER A 68 -17.65 7.47 15.89
N VAL A 69 -17.79 8.33 16.90
CA VAL A 69 -16.70 8.59 17.86
C VAL A 69 -16.37 7.45 18.82
N HIS A 70 -17.40 6.82 19.40
CA HIS A 70 -17.22 5.67 20.34
C HIS A 70 -16.75 4.36 19.65
N SER A 71 -16.72 4.35 18.33
CA SER A 71 -16.46 3.18 17.49
C SER A 71 -14.97 2.78 17.48
N TYR A 72 -14.65 1.48 17.50
CA TYR A 72 -13.28 0.99 17.70
C TYR A 72 -12.26 1.51 16.68
N ARG A 73 -11.15 1.99 17.21
CA ARG A 73 -10.19 2.70 16.40
C ARG A 73 -8.80 2.07 16.34
N GLY A 74 -8.54 1.03 17.12
CA GLY A 74 -7.22 0.46 17.16
C GLY A 74 -6.60 0.67 18.53
N PRO A 75 -5.38 0.16 18.69
CA PRO A 75 -4.65 0.25 19.98
C PRO A 75 -4.04 1.64 20.26
N GLY A 76 -4.02 2.52 19.25
CA GLY A 76 -3.33 3.82 19.29
C GLY A 76 -1.83 3.71 19.10
N LEU A 77 -1.12 4.84 19.13
CA LEU A 77 0.28 4.89 18.70
C LEU A 77 1.21 4.10 19.62
N GLU A 78 1.23 4.45 20.89
CA GLU A 78 2.11 3.84 21.88
C GLU A 78 2.07 2.30 21.75
N GLU A 79 0.86 1.74 21.82
CA GLU A 79 0.73 0.29 21.91
C GLU A 79 0.89 -0.33 20.54
N GLY A 80 0.48 0.39 19.50
CA GLY A 80 0.70 -0.09 18.14
C GLY A 80 2.18 -0.24 17.83
N MET A 81 2.97 0.77 18.20
CA MET A 81 4.42 0.71 18.01
C MET A 81 5.02 -0.50 18.71
N LYS A 82 4.55 -0.80 19.90
CA LYS A 82 5.03 -1.99 20.61
C LYS A 82 4.84 -3.28 19.80
N ILE A 83 3.67 -3.41 19.18
CA ILE A 83 3.38 -4.58 18.34
C ILE A 83 4.27 -4.59 17.09
N PHE A 84 4.39 -3.44 16.40
CA PHE A 84 5.34 -3.38 15.27
C PHE A 84 6.72 -3.78 15.72
N GLN A 85 7.17 -3.25 16.86
CA GLN A 85 8.46 -3.64 17.38
C GLN A 85 8.63 -5.14 17.54
N GLU A 86 7.62 -5.81 18.08
CA GLU A 86 7.71 -7.25 18.30
C GLU A 86 7.72 -7.99 16.94
N LEU A 87 6.92 -7.52 16.01
CA LEU A 87 6.86 -8.11 14.62
C LEU A 87 8.22 -8.03 13.93
N LYS A 88 8.87 -6.88 14.02
CA LYS A 88 10.20 -6.65 13.48
C LYS A 88 11.23 -7.58 14.11
N GLU A 89 11.25 -7.67 15.45
CA GLU A 89 12.27 -8.50 16.16
C GLU A 89 12.09 -10.01 15.98
N THR A 90 10.82 -10.38 15.79
CA THR A 90 10.42 -11.78 15.73
C THR A 90 10.62 -12.30 14.33
N PHE A 91 10.16 -11.49 13.39
CA PHE A 91 10.04 -11.94 12.03
C PHE A 91 11.02 -11.26 11.05
N GLY A 92 11.65 -10.16 11.45
CA GLY A 92 12.59 -9.47 10.59
C GLY A 92 11.88 -8.72 9.46
N VAL A 93 10.61 -8.41 9.65
CA VAL A 93 9.77 -7.75 8.62
C VAL A 93 10.01 -6.27 8.50
N LYS A 94 9.85 -5.76 7.28
CA LYS A 94 9.69 -4.32 7.07
C LYS A 94 8.21 -3.97 7.38
N ILE A 95 7.97 -2.76 7.88
CA ILE A 95 6.63 -2.36 8.29
C ILE A 95 6.19 -1.07 7.63
N ILE A 96 4.91 -1.04 7.21
CA ILE A 96 4.29 0.17 6.74
C ILE A 96 3.06 0.45 7.61
N THR A 97 2.88 1.70 8.01
CA THR A 97 1.62 2.12 8.67
C THR A 97 1.27 3.54 8.29
N ASP A 98 0.01 3.94 8.52
CA ASP A 98 -0.42 5.28 8.20
C ASP A 98 -0.33 6.22 9.36
N VAL A 99 -0.07 7.49 9.03
CA VAL A 99 -0.01 8.55 10.02
C VAL A 99 -1.06 9.63 9.69
N HIS A 100 -1.61 10.22 10.73
CA HIS A 100 -2.80 11.03 10.62
C HIS A 100 -2.66 12.47 11.06
N THR A 101 -1.55 12.79 11.71
CA THR A 101 -1.28 14.13 12.20
C THR A 101 0.21 14.39 12.11
N GLU A 102 0.60 15.66 12.09
CA GLU A 102 2.01 16.04 11.95
C GLU A 102 2.84 15.44 13.08
N ALA A 103 2.30 15.50 14.29
CA ALA A 103 3.03 15.05 15.48
C ALA A 103 3.24 13.54 15.52
N GLN A 104 2.45 12.75 14.79
CA GLN A 104 2.69 11.30 14.69
C GLN A 104 3.83 10.90 13.78
N ALA A 105 4.23 11.76 12.85
CA ALA A 105 5.14 11.36 11.78
C ALA A 105 6.51 10.88 12.26
N GLN A 106 7.20 11.66 13.09
CA GLN A 106 8.54 11.24 13.51
C GLN A 106 8.53 10.04 14.45
N PRO A 107 7.71 10.06 15.52
CA PRO A 107 7.69 8.88 16.38
C PRO A 107 7.34 7.56 15.67
N VAL A 108 6.46 7.57 14.68
CA VAL A 108 6.18 6.36 13.91
C VAL A 108 7.35 6.04 12.95
N ALA A 109 7.91 7.07 12.31
CA ALA A 109 9.11 6.92 11.46
C ALA A 109 10.26 6.27 12.21
N ASP A 110 10.38 6.55 13.51
CA ASP A 110 11.39 5.94 14.41
C ASP A 110 11.28 4.42 14.54
N VAL A 111 10.08 3.88 14.24
CA VAL A 111 9.79 2.45 14.37
C VAL A 111 9.65 1.70 13.03
N VAL A 112 8.90 2.29 12.12
CA VAL A 112 8.50 1.60 10.86
C VAL A 112 9.41 2.00 9.71
N ASP A 113 9.29 1.28 8.58
CA ASP A 113 10.08 1.48 7.40
C ASP A 113 9.43 2.39 6.33
N VAL A 114 8.10 2.40 6.33
CA VAL A 114 7.30 3.21 5.37
C VAL A 114 6.13 3.83 6.11
N ILE A 115 5.99 5.14 5.95
CA ILE A 115 4.89 5.86 6.53
C ILE A 115 3.93 6.24 5.40
N GLN A 116 2.65 6.05 5.68
CA GLN A 116 1.59 6.20 4.69
C GLN A 116 0.72 7.42 4.94
N LEU A 117 0.56 8.21 3.89
CA LEU A 117 -0.30 9.36 3.86
C LEU A 117 -1.71 8.99 3.40
N PRO A 118 -2.71 9.03 4.31
CA PRO A 118 -4.07 8.70 3.93
C PRO A 118 -4.67 9.56 2.81
N ALA A 119 -5.59 8.95 2.07
CA ALA A 119 -6.15 9.55 0.88
C ALA A 119 -6.78 10.89 1.20
N PHE A 120 -7.54 10.96 2.28
CA PHE A 120 -8.26 12.20 2.57
C PHE A 120 -7.32 13.31 3.00
N LEU A 121 -6.12 12.93 3.44
CA LEU A 121 -5.15 13.85 3.96
C LEU A 121 -4.05 14.22 2.96
N ALA A 122 -4.10 13.66 1.75
CA ALA A 122 -2.97 13.66 0.83
C ALA A 122 -2.60 15.04 0.30
N ARG A 123 -3.50 16.03 0.46
CA ARG A 123 -3.18 17.40 0.04
C ARG A 123 -2.80 18.32 1.21
N GLN A 124 -2.79 17.80 2.44
CA GLN A 124 -2.46 18.60 3.62
C GLN A 124 -0.98 18.88 3.68
N THR A 125 -0.65 20.09 3.32
CA THR A 125 0.71 20.48 3.12
C THR A 125 1.61 20.36 4.37
N ASP A 126 1.09 20.72 5.54
CA ASP A 126 1.87 20.62 6.76
C ASP A 126 2.16 19.19 7.15
N LEU A 127 1.21 18.30 6.85
CA LEU A 127 1.41 16.86 7.06
C LEU A 127 2.45 16.28 6.10
N VAL A 128 2.33 16.62 4.81
CA VAL A 128 3.38 16.25 3.85
C VAL A 128 4.76 16.72 4.34
N GLU A 129 4.83 17.98 4.74
CA GLU A 129 6.11 18.48 5.28
C GLU A 129 6.67 17.65 6.45
N ALA A 130 5.83 17.39 7.44
CA ALA A 130 6.23 16.66 8.65
C ALA A 130 6.67 15.25 8.29
N MET A 131 5.95 14.64 7.35
CA MET A 131 6.27 13.31 6.88
C MET A 131 7.53 13.35 6.07
N ALA A 132 7.69 14.37 5.21
CA ALA A 132 8.91 14.51 4.38
C ALA A 132 10.16 14.60 5.27
N LYS A 133 10.02 15.32 6.38
CA LYS A 133 11.14 15.65 7.28
C LYS A 133 11.72 14.44 8.01
N THR A 134 10.95 13.38 8.14
CA THR A 134 11.44 12.19 8.80
C THR A 134 12.47 11.45 7.96
N GLY A 135 12.52 11.73 6.65
CA GLY A 135 13.40 11.00 5.75
C GLY A 135 12.94 9.58 5.48
N ALA A 136 11.78 9.21 6.02
CA ALA A 136 11.23 7.86 5.82
C ALA A 136 10.73 7.67 4.35
N VAL A 137 10.68 6.40 3.88
CA VAL A 137 9.98 6.07 2.64
C VAL A 137 8.53 6.42 2.92
N ILE A 138 7.90 7.02 1.92
CA ILE A 138 6.48 7.42 1.98
C ILE A 138 5.62 6.58 1.07
N ASN A 139 4.42 6.18 1.51
CA ASN A 139 3.40 5.72 0.59
C ASN A 139 2.20 6.67 0.58
N VAL A 140 1.93 7.27 -0.56
CA VAL A 140 0.78 8.19 -0.65
C VAL A 140 -0.44 7.53 -1.27
N LYS A 141 -1.54 7.50 -0.51
CA LYS A 141 -2.81 6.97 -1.03
C LYS A 141 -3.40 8.00 -2.00
N LYS A 142 -3.65 7.61 -3.27
CA LYS A 142 -4.20 8.56 -4.23
C LYS A 142 -5.68 8.82 -3.88
N PRO A 143 -6.02 10.08 -3.62
CA PRO A 143 -7.45 10.34 -3.29
C PRO A 143 -8.46 9.85 -4.32
N GLN A 144 -9.62 9.34 -3.87
CA GLN A 144 -10.68 8.92 -4.74
C GLN A 144 -11.16 10.05 -5.70
N PHE A 145 -10.92 11.28 -5.26
CA PHE A 145 -11.38 12.48 -5.87
C PHE A 145 -10.32 13.19 -6.71
N MET A 146 -9.19 12.54 -6.94
CA MET A 146 -8.04 13.17 -7.63
C MET A 146 -7.81 12.52 -8.98
N SER A 147 -7.60 13.30 -10.04
CA SER A 147 -7.24 12.68 -11.34
C SER A 147 -5.79 12.18 -11.37
N PRO A 148 -5.53 11.12 -12.12
CA PRO A 148 -4.17 10.51 -12.03
C PRO A 148 -3.06 11.42 -12.51
N GLY A 149 -3.39 12.32 -13.45
CA GLY A 149 -2.45 13.33 -13.87
C GLY A 149 -1.96 14.30 -12.79
N GLN A 150 -2.62 14.32 -11.63
CA GLN A 150 -2.31 15.28 -10.59
C GLN A 150 -1.30 14.80 -9.55
N VAL A 151 -0.86 13.54 -9.65
CA VAL A 151 0.09 12.92 -8.69
C VAL A 151 1.49 13.52 -8.72
N GLY A 152 1.88 14.10 -9.83
CA GLY A 152 3.11 14.87 -9.89
C GLY A 152 3.21 15.93 -8.82
N ASN A 153 2.12 16.63 -8.52
CA ASN A 153 2.15 17.71 -7.52
C ASN A 153 2.47 17.14 -6.12
N ILE A 154 1.98 15.94 -5.85
CA ILE A 154 2.25 15.29 -4.58
C ILE A 154 3.73 14.93 -4.46
N VAL A 155 4.26 14.25 -5.47
CA VAL A 155 5.67 13.91 -5.49
C VAL A 155 6.53 15.18 -5.35
N GLU A 156 6.16 16.22 -6.10
CA GLU A 156 6.91 17.45 -6.05
C GLU A 156 6.89 18.15 -4.67
N LYS A 157 5.77 18.06 -3.97
CA LYS A 157 5.65 18.70 -2.66
C LYS A 157 6.62 18.04 -1.68
N PHE A 158 6.70 16.70 -1.71
CA PHE A 158 7.66 15.94 -0.90
C PHE A 158 9.11 16.32 -1.28
N ALA A 159 9.39 16.40 -2.57
CA ALA A 159 10.72 16.74 -3.05
C ALA A 159 11.16 18.11 -2.54
N GLU A 160 10.24 19.06 -2.51
CA GLU A 160 10.53 20.43 -2.04
C GLU A 160 10.85 20.45 -0.56
N CYS A 161 10.33 19.44 0.15
CA CYS A 161 10.57 19.29 1.56
C CYS A 161 11.75 18.35 1.80
N GLY A 162 12.48 18.01 0.74
CA GLY A 162 13.69 17.21 0.84
C GLY A 162 13.53 15.71 0.84
N ASN A 163 12.38 15.18 0.39
CA ASN A 163 12.15 13.73 0.47
C ASN A 163 11.83 13.16 -0.89
N ASP A 164 12.73 12.31 -1.42
CA ASP A 164 12.52 11.72 -2.75
C ASP A 164 12.17 10.24 -2.70
N LYS A 165 11.53 9.81 -1.63
CA LYS A 165 11.30 8.39 -1.43
C LYS A 165 9.81 8.06 -1.47
N VAL A 166 9.13 8.53 -2.50
CA VAL A 166 7.68 8.45 -2.55
C VAL A 166 7.21 7.33 -3.48
N ILE A 167 6.31 6.54 -2.93
CA ILE A 167 5.57 5.54 -3.62
C ILE A 167 4.09 5.98 -3.65
N LEU A 168 3.44 5.84 -4.82
CA LEU A 168 2.03 6.26 -5.00
C LEU A 168 1.14 5.05 -5.02
N CYS A 169 -0.04 5.15 -4.43
CA CYS A 169 -0.88 3.97 -4.30
C CYS A 169 -2.27 4.20 -4.85
N GLU A 170 -2.60 3.43 -5.86
CA GLU A 170 -3.95 3.47 -6.46
C GLU A 170 -4.98 2.82 -5.51
N ARG A 171 -6.07 3.50 -5.21
CA ARG A 171 -7.18 2.91 -4.46
C ARG A 171 -8.59 3.24 -4.95
N GLY A 172 -8.74 3.48 -6.28
CA GLY A 172 -10.02 3.70 -6.92
C GLY A 172 -10.39 5.17 -6.98
N SER A 173 -11.35 5.46 -7.86
CA SER A 173 -11.81 6.78 -8.13
C SER A 173 -13.30 6.78 -8.02
N CYS A 174 -13.85 7.88 -7.54
CA CYS A 174 -15.28 8.05 -7.48
C CYS A 174 -15.98 7.71 -8.80
N HIS A 175 -17.02 6.90 -8.73
CA HIS A 175 -17.84 6.55 -9.87
C HIS A 175 -19.30 6.74 -9.47
N GLY A 176 -19.80 7.95 -9.66
CA GLY A 176 -21.10 8.33 -9.13
C GLY A 176 -21.04 8.35 -7.58
N TYR A 177 -22.15 8.03 -6.92
CA TYR A 177 -22.20 7.97 -5.47
C TYR A 177 -21.83 6.59 -4.93
N ASP A 178 -21.06 6.54 -3.85
CA ASP A 178 -20.83 5.27 -3.08
C ASP A 178 -20.32 4.08 -3.89
N ASN A 179 -19.65 4.35 -5.00
CA ASN A 179 -18.97 3.27 -5.74
C ASN A 179 -17.69 3.84 -6.23
N LEU A 180 -16.71 2.96 -6.43
CA LEU A 180 -15.41 3.30 -6.96
C LEU A 180 -15.13 2.44 -8.18
N VAL A 181 -14.37 3.01 -9.13
CA VAL A 181 -13.89 2.27 -10.26
C VAL A 181 -12.43 2.49 -10.28
N VAL A 182 -11.71 1.50 -10.76
CA VAL A 182 -10.30 1.65 -10.98
C VAL A 182 -10.06 1.84 -12.49
N ASP A 183 -9.55 2.99 -12.79
CA ASP A 183 -9.15 3.32 -14.18
C ASP A 183 -7.79 2.74 -14.47
N MET A 184 -7.75 1.65 -15.22
CA MET A 184 -6.46 1.03 -15.56
C MET A 184 -5.49 1.86 -16.40
N LEU A 185 -6.02 2.85 -17.10
CA LEU A 185 -5.23 3.84 -17.82
C LEU A 185 -4.46 4.78 -16.90
N GLY A 186 -4.97 4.93 -15.68
CA GLY A 186 -4.38 5.81 -14.67
C GLY A 186 -2.99 5.41 -14.22
N PHE A 187 -2.71 4.11 -14.28
CA PHE A 187 -1.37 3.63 -13.99
C PHE A 187 -0.33 4.27 -14.89
N GLY A 188 -0.55 4.21 -16.21
CA GLY A 188 0.34 4.84 -17.17
C GLY A 188 0.44 6.33 -16.98
N VAL A 189 -0.70 6.99 -16.85
CA VAL A 189 -0.74 8.39 -16.54
C VAL A 189 0.10 8.77 -15.31
N MET A 190 0.02 8.00 -14.23
CA MET A 190 0.77 8.34 -13.03
C MET A 190 2.27 8.07 -13.21
N LYS A 191 2.60 7.02 -13.95
CA LYS A 191 3.97 6.73 -14.19
C LYS A 191 4.60 7.92 -14.92
N GLN A 192 3.88 8.48 -15.90
CA GLN A 192 4.34 9.64 -16.65
C GLN A 192 4.37 10.86 -15.73
N ALA A 193 3.24 11.19 -15.09
CA ALA A 193 3.17 12.44 -14.31
C ALA A 193 4.19 12.51 -13.17
N SER A 194 4.58 11.36 -12.62
CA SER A 194 5.50 11.26 -11.48
C SER A 194 6.98 11.02 -11.89
N ASN A 195 7.25 11.08 -13.19
CA ASN A 195 8.56 10.75 -13.72
C ASN A 195 9.06 9.37 -13.24
N GLY A 196 8.11 8.42 -13.23
CA GLY A 196 8.45 7.05 -13.01
C GLY A 196 8.54 6.64 -11.56
N SER A 197 7.86 7.35 -10.68
CA SER A 197 7.77 6.92 -9.28
C SER A 197 7.09 5.54 -9.19
N PRO A 198 7.45 4.72 -8.19
CA PRO A 198 6.78 3.41 -8.12
C PRO A 198 5.27 3.62 -7.82
N ILE A 199 4.42 2.88 -8.54
CA ILE A 199 2.98 2.88 -8.33
C ILE A 199 2.60 1.46 -7.84
N ILE A 200 1.91 1.43 -6.70
CA ILE A 200 1.31 0.22 -6.20
C ILE A 200 -0.18 0.32 -6.19
N PHE A 201 -0.83 -0.83 -6.03
CA PHE A 201 -2.30 -0.87 -6.22
C PHE A 201 -2.96 -1.50 -4.98
N ASP A 202 -3.72 -0.71 -4.22
CA ASP A 202 -4.52 -1.17 -3.10
C ASP A 202 -5.82 -1.79 -3.65
N VAL A 203 -5.77 -3.09 -3.86
CA VAL A 203 -6.90 -3.83 -4.44
C VAL A 203 -8.04 -3.91 -3.46
N THR A 204 -7.71 -4.05 -2.17
CA THR A 204 -8.69 -4.22 -1.13
C THR A 204 -9.65 -3.02 -0.99
N HIS A 205 -9.08 -1.83 -0.91
CA HIS A 205 -9.91 -0.58 -0.76
C HIS A 205 -10.58 -0.17 -2.06
N SER A 206 -10.06 -0.62 -3.18
CA SER A 206 -10.65 -0.38 -4.47
C SER A 206 -11.97 -1.07 -4.65
N LEU A 207 -12.17 -2.06 -3.81
CA LEU A 207 -13.35 -2.88 -3.80
C LEU A 207 -14.43 -2.36 -2.86
N GLN A 208 -14.28 -1.16 -2.33
CA GLN A 208 -15.32 -0.53 -1.51
C GLN A 208 -16.44 0.08 -2.36
N ARG A 220 -17.56 -8.42 -2.28
CA ARG A 220 -16.57 -7.48 -2.88
C ARG A 220 -15.25 -8.26 -2.96
N ARG A 221 -14.94 -8.97 -1.88
CA ARG A 221 -13.61 -9.57 -1.67
C ARG A 221 -13.38 -10.73 -2.65
N GLU A 222 -14.48 -11.37 -3.09
CA GLU A 222 -14.47 -12.41 -4.11
C GLU A 222 -13.72 -11.88 -5.35
N GLN A 223 -13.95 -10.59 -5.64
CA GLN A 223 -13.35 -9.97 -6.84
C GLN A 223 -11.89 -9.50 -6.72
N THR A 224 -11.28 -9.75 -5.57
CA THR A 224 -9.90 -9.40 -5.30
C THR A 224 -8.98 -9.95 -6.40
N VAL A 225 -9.23 -11.20 -6.77
CA VAL A 225 -8.33 -11.89 -7.67
C VAL A 225 -8.36 -11.25 -9.03
N GLU A 226 -9.57 -11.08 -9.56
CA GLU A 226 -9.75 -10.56 -10.89
C GLU A 226 -9.21 -9.13 -11.02
N LEU A 227 -9.42 -8.33 -9.99
CA LEU A 227 -8.99 -6.92 -10.06
C LEU A 227 -7.49 -6.79 -9.90
N ALA A 228 -6.90 -7.62 -9.03
CA ALA A 228 -5.45 -7.67 -8.84
C ALA A 228 -4.75 -8.02 -10.14
N LYS A 229 -5.30 -8.98 -10.87
CA LYS A 229 -4.66 -9.41 -12.11
CA LYS A 229 -4.69 -9.44 -12.11
C LYS A 229 -4.71 -8.29 -13.12
N ALA A 230 -5.88 -7.63 -13.23
CA ALA A 230 -6.02 -6.49 -14.19
C ALA A 230 -4.96 -5.39 -13.90
N GLY A 231 -4.87 -4.96 -12.64
CA GLY A 231 -3.86 -3.92 -12.30
C GLY A 231 -2.45 -4.41 -12.54
N LEU A 232 -2.11 -5.63 -12.09
CA LEU A 232 -0.76 -6.13 -12.33
C LEU A 232 -0.43 -6.15 -13.82
N ALA A 233 -1.42 -6.43 -14.65
CA ALA A 233 -1.20 -6.57 -16.09
C ALA A 233 -0.70 -5.27 -16.73
N THR A 234 -0.87 -4.14 -16.04
CA THR A 234 -0.41 -2.86 -16.59
C THR A 234 1.09 -2.53 -16.28
N GLY A 235 1.74 -3.36 -15.46
CA GLY A 235 3.18 -3.24 -15.11
C GLY A 235 3.33 -2.22 -13.99
N ILE A 236 3.27 -2.69 -12.74
CA ILE A 236 3.25 -1.83 -11.61
C ILE A 236 4.22 -2.33 -10.49
N ALA A 237 4.58 -1.46 -9.56
CA ALA A 237 5.63 -1.77 -8.64
C ALA A 237 5.20 -2.68 -7.48
N GLY A 238 3.90 -2.74 -7.21
CA GLY A 238 3.40 -3.62 -6.12
C GLY A 238 1.91 -3.70 -5.98
N LEU A 239 1.51 -4.54 -5.04
CA LEU A 239 0.13 -4.71 -4.65
C LEU A 239 0.06 -4.43 -3.15
N PHE A 240 -1.09 -3.89 -2.79
CA PHE A 240 -1.42 -3.55 -1.37
C PHE A 240 -2.72 -4.30 -1.03
N ILE A 241 -2.71 -5.13 -0.02
CA ILE A 241 -3.75 -6.09 0.25
C ILE A 241 -3.97 -6.11 1.76
N GLU A 242 -5.22 -6.19 2.23
CA GLU A 242 -5.48 -6.49 3.65
C GLU A 242 -6.19 -7.82 3.70
N ALA A 243 -5.90 -8.61 4.74
CA ALA A 243 -6.49 -9.93 4.92
C ALA A 243 -6.84 -10.16 6.38
N HIS A 244 -7.59 -11.24 6.63
CA HIS A 244 -7.98 -11.63 7.97
C HIS A 244 -8.42 -13.11 7.92
N PRO A 245 -8.16 -13.89 8.99
CA PRO A 245 -8.67 -15.24 9.11
C PRO A 245 -10.16 -15.42 8.89
N ASN A 246 -10.95 -14.43 9.26
CA ASN A 246 -12.42 -14.42 9.04
C ASN A 246 -12.84 -13.01 8.77
N PRO A 247 -12.69 -12.56 7.52
CA PRO A 247 -12.98 -11.16 7.14
C PRO A 247 -14.26 -10.57 7.75
N ASP A 248 -15.34 -11.35 7.79
CA ASP A 248 -16.60 -10.91 8.38
C ASP A 248 -16.50 -10.39 9.81
N LYS A 249 -15.54 -10.89 10.58
CA LYS A 249 -15.36 -10.47 11.97
C LYS A 249 -14.23 -9.45 12.07
N ALA A 250 -13.58 -9.10 10.95
CA ALA A 250 -12.56 -8.03 10.97
C ALA A 250 -13.22 -6.81 11.58
N ARG A 251 -12.48 -6.07 12.42
CA ARG A 251 -13.04 -4.90 13.07
CA ARG A 251 -13.05 -4.90 13.04
C ARG A 251 -13.14 -3.67 12.19
N CYS A 252 -12.62 -3.74 10.99
CA CYS A 252 -12.90 -2.70 10.02
C CYS A 252 -12.72 -3.23 8.61
N ASP A 253 -13.62 -2.81 7.70
CA ASP A 253 -13.46 -3.10 6.27
C ASP A 253 -13.38 -4.61 6.04
N GLY A 254 -14.01 -5.36 6.92
CA GLY A 254 -14.09 -6.79 6.74
C GLY A 254 -14.63 -7.16 5.36
N PRO A 255 -15.60 -6.37 4.83
CA PRO A 255 -16.22 -6.92 3.61
C PRO A 255 -15.29 -7.00 2.38
N SER A 256 -14.15 -6.30 2.41
CA SER A 256 -13.19 -6.37 1.30
C SER A 256 -11.96 -7.24 1.60
N ALA A 257 -11.73 -7.60 2.87
CA ALA A 257 -10.51 -8.32 3.27
C ALA A 257 -10.40 -9.73 2.64
N LEU A 258 -9.22 -10.05 2.11
CA LEU A 258 -9.00 -11.39 1.62
C LEU A 258 -8.98 -12.41 2.78
N PRO A 259 -9.64 -13.57 2.62
CA PRO A 259 -9.48 -14.60 3.59
C PRO A 259 -8.05 -15.08 3.64
N LEU A 260 -7.46 -15.03 4.83
CA LEU A 260 -6.03 -15.28 5.02
C LEU A 260 -5.55 -16.61 4.49
N ASP A 261 -6.42 -17.62 4.56
CA ASP A 261 -6.09 -18.94 4.06
C ASP A 261 -5.90 -19.02 2.55
N LYS A 262 -6.46 -18.04 1.84
CA LYS A 262 -6.30 -18.00 0.38
C LYS A 262 -5.10 -17.21 -0.10
N LEU A 263 -4.24 -16.76 0.80
CA LEU A 263 -3.17 -15.90 0.43
C LEU A 263 -2.26 -16.65 -0.53
N GLU A 264 -1.92 -17.90 -0.24
CA GLU A 264 -0.91 -18.57 -1.09
C GLU A 264 -1.34 -18.76 -2.56
N PRO A 265 -2.51 -19.39 -2.79
CA PRO A 265 -2.90 -19.57 -4.20
C PRO A 265 -3.06 -18.25 -4.95
N PHE A 266 -3.45 -17.22 -4.21
CA PHE A 266 -3.59 -15.90 -4.79
C PHE A 266 -2.21 -15.37 -5.19
N LEU A 267 -1.25 -15.42 -4.27
CA LEU A 267 0.05 -14.82 -4.53
C LEU A 267 0.85 -15.61 -5.58
N ALA A 268 0.63 -16.91 -5.66
CA ALA A 268 1.34 -17.76 -6.59
C ALA A 268 0.91 -17.26 -7.99
N GLN A 269 -0.38 -17.05 -8.17
CA GLN A 269 -0.90 -16.49 -9.44
C GLN A 269 -0.37 -15.11 -9.74
N MET A 270 -0.34 -14.23 -8.75
CA MET A 270 0.19 -12.89 -8.93
C MET A 270 1.62 -12.95 -9.40
N LYS A 271 2.44 -13.79 -8.78
CA LYS A 271 3.83 -13.90 -9.12
C LYS A 271 4.02 -14.38 -10.56
N ALA A 272 3.28 -15.41 -10.95
CA ALA A 272 3.36 -15.95 -12.30
C ALA A 272 2.99 -14.90 -13.34
N LEU A 273 1.87 -14.20 -13.07
CA LEU A 273 1.41 -13.10 -13.91
C LEU A 273 2.46 -11.96 -14.00
N ASP A 274 2.93 -11.45 -12.86
CA ASP A 274 3.90 -10.36 -12.81
C ASP A 274 5.20 -10.70 -13.57
N ASP A 275 5.66 -11.91 -13.33
CA ASP A 275 6.87 -12.40 -13.95
C ASP A 275 6.73 -12.36 -15.47
N LEU A 276 5.59 -12.80 -15.99
CA LEU A 276 5.36 -12.66 -17.46
C LEU A 276 5.31 -11.20 -17.94
N ILE A 277 4.44 -10.45 -17.29
CA ILE A 277 4.26 -9.05 -17.61
C ILE A 277 5.62 -8.33 -17.62
N LYS A 278 6.46 -8.60 -16.63
CA LYS A 278 7.70 -7.87 -16.48
C LYS A 278 8.72 -8.25 -17.56
N SER A 279 8.45 -9.39 -18.20
CA SER A 279 9.26 -9.91 -19.31
C SER A 279 8.89 -9.32 -20.69
N PHE A 280 7.72 -8.66 -20.82
CA PHE A 280 7.29 -8.17 -22.13
C PHE A 280 8.10 -6.94 -22.56
N ALA A 281 8.55 -6.93 -23.80
CA ALA A 281 9.22 -5.72 -24.35
C ALA A 281 8.23 -4.56 -24.45
N HIS A 282 8.73 -3.32 -24.40
CA HIS A 282 7.87 -2.15 -24.63
C HIS A 282 7.48 -2.12 -26.11
N ILE A 283 6.22 -1.85 -26.43
CA ILE A 283 5.85 -1.64 -27.83
C ILE A 283 5.65 -0.15 -28.04
N ASP A 284 6.41 0.38 -28.98
CA ASP A 284 6.31 1.82 -29.35
C ASP A 284 5.17 2.04 -30.35
N ILE A 285 4.09 2.59 -29.79
CA ILE A 285 2.91 2.95 -30.56
C ILE A 285 2.75 4.49 -30.50
N ARG A 286 2.65 5.11 -31.67
CA ARG A 286 2.60 6.57 -31.80
C ARG A 286 1.26 6.96 -32.40
S SO4 B . -7.08 5.15 2.77
O1 SO4 B . -6.77 4.95 1.34
O2 SO4 B . -6.57 6.41 3.20
O3 SO4 B . -8.55 4.97 2.92
O4 SO4 B . -6.38 4.12 3.54
#